data_7NBL
#
_entry.id   7NBL
#
loop_
_entity.id
_entity.type
_entity.pdbx_description
1 polymer "DNA (5'-D(*CP*TP*AP*(FFC)P*AP*CP*GP*G)-3')"
2 polymer "RNA (5'-R(*CP*CP*GP*UP*GP*UP*AP*G)-3')"
#
loop_
_entity_poly.entity_id
_entity_poly.type
_entity_poly.pdbx_seq_one_letter_code
_entity_poly.pdbx_strand_id
1 'polydeoxyribonucleotide' (DC)(DT)(DA)(U7B)(DA)(DC)(DG)(DG) A
2 'polyribonucleotide' CCGUGUAG B
#
loop_
_chem_comp.id
_chem_comp.type
_chem_comp.name
_chem_comp.formula
A RNA linking ADENOSINE-5'-MONOPHOSPHATE 'C10 H14 N5 O7 P'
C RNA linking CYTIDINE-5'-MONOPHOSPHATE 'C9 H14 N3 O8 P'
DA DNA linking 2'-DEOXYADENOSINE-5'-MONOPHOSPHATE 'C10 H14 N5 O6 P'
DC DNA linking 2'-DEOXYCYTIDINE-5'-MONOPHOSPHATE 'C9 H14 N3 O7 P'
DG DNA linking 2'-DEOXYGUANOSINE-5'-MONOPHOSPHATE 'C10 H14 N5 O7 P'
DT DNA linking THYMIDINE-5'-MONOPHOSPHATE 'C10 H15 N2 O8 P'
G RNA linking GUANOSINE-5'-MONOPHOSPHATE 'C10 H14 N5 O8 P'
U RNA linking URIDINE-5'-MONOPHOSPHATE 'C9 H13 N2 O9 P'
U7B DNA linking 2'-deoxy-2'2'-difluorodeoxycytidine 'C9 H12 F2 N3 O7 P'
#
# COMPACT_ATOMS: atom_id res chain seq x y z
P U7B A 4 2.37 3.74 0.66
C5' U7B A 4 0.04 2.99 -0.33
O5' U7B A 4 1.14 2.71 0.52
C4' U7B A 4 -1.11 1.99 -0.17
O4' U7B A 4 -0.77 0.74 -0.77
C3' U7B A 4 -1.54 1.76 1.30
O3' U7B A 4 -2.94 2.02 1.37
C2' U7B A 4 -1.12 0.29 1.51
C1' U7B A 4 -1.24 -0.28 0.08
N1 U7B A 4 -0.46 -1.52 -0.20
C2 U7B A 4 -1.14 -2.67 -0.58
O2 U7B A 4 -2.36 -2.70 -0.69
N3 U7B A 4 -0.47 -3.81 -0.83
C4 U7B A 4 0.84 -3.80 -0.72
N4 U7B A 4 1.44 -4.92 -1.01
C5 U7B A 4 1.59 -2.66 -0.38
C6 U7B A 4 0.91 -1.52 -0.13
OP1 U7B A 4 1.82 5.11 0.60
OP2 U7B A 4 3.19 3.32 1.81
F1 U7B A 4 -1.91 -0.43 2.37
F2 U7B A 4 0.17 0.26 2.02
H5'' U7B A 4 0.38 2.98 -1.37
H5' U7B A 4 -0.34 3.99 -0.10
H4' U7B A 4 -1.95 2.41 -0.73
H3' U7B A 4 -1.00 2.42 1.96
H1' U7B A 4 -2.29 -0.45 -0.11
H42 U7B A 4 2.44 -4.94 -1.07
H41 U7B A 4 0.85 -5.65 -1.40
H5 U7B A 4 2.67 -2.67 -0.32
H6 U7B A 4 1.43 -0.60 0.10
P U7B A 4 2.64 4.05 0.93
C5' U7B A 4 0.19 3.35 0.28
O5' U7B A 4 1.41 3.00 0.91
C4' U7B A 4 -0.82 2.19 0.20
O4' U7B A 4 -0.35 1.09 -0.59
C3' U7B A 4 -1.18 1.60 1.57
O3' U7B A 4 -2.40 2.12 2.06
C2' U7B A 4 -1.25 0.08 1.35
C1' U7B A 4 -0.96 -0.10 -0.12
N1 U7B A 4 -0.14 -1.30 -0.41
C2 U7B A 4 -0.76 -2.47 -0.76
O2 U7B A 4 -1.98 -2.50 -0.87
N3 U7B A 4 -0.08 -3.60 -1.03
C4 U7B A 4 1.22 -3.56 -0.92
N4 U7B A 4 1.87 -4.66 -1.24
C5 U7B A 4 1.93 -2.41 -0.48
C6 U7B A 4 1.21 -1.29 -0.24
OP1 U7B A 4 2.05 5.40 1.08
OP2 U7B A 4 3.65 3.57 1.91
F1 U7B A 4 -2.50 -0.47 1.50
F2 U7B A 4 -0.35 -0.52 2.21
H5'' U7B A 4 0.39 3.70 -0.74
H5' U7B A 4 -0.27 4.16 0.85
H4' U7B A 4 -1.71 2.61 -0.25
H3' U7B A 4 -0.42 1.88 2.29
H1' U7B A 4 -1.94 -0.23 -0.60
H42 U7B A 4 2.88 -4.70 -1.29
H41 U7B A 4 1.28 -5.38 -1.62
H5 U7B A 4 2.99 -2.40 -0.35
H6 U7B A 4 1.69 -0.39 0.11
P U7B A 4 2.44 3.95 0.37
C5' U7B A 4 0.21 2.96 -0.60
O5' U7B A 4 1.28 2.84 0.33
C4' U7B A 4 -0.89 1.93 -0.38
O4' U7B A 4 -0.52 0.64 -0.86
C3' U7B A 4 -1.33 1.80 1.10
O3' U7B A 4 -2.72 2.08 1.08
C2' U7B A 4 -0.90 0.36 1.43
C1' U7B A 4 -1.02 -0.32 0.06
N1 U7B A 4 -0.25 -1.58 -0.13
C2 U7B A 4 -0.96 -2.72 -0.49
O2 U7B A 4 -2.18 -2.72 -0.64
N3 U7B A 4 -0.33 -3.89 -0.71
C4 U7B A 4 0.98 -3.91 -0.58
N4 U7B A 4 1.58 -5.05 -0.83
C5 U7B A 4 1.76 -2.79 -0.25
C6 U7B A 4 1.11 -1.63 -0.04
OP1 U7B A 4 1.79 5.27 0.19
OP2 U7B A 4 3.31 3.70 1.54
F1 U7B A 4 -1.70 -0.28 2.37
F2 U7B A 4 0.39 0.37 1.93
H5'' U7B A 4 0.60 2.86 -1.62
H5' U7B A 4 -0.23 3.95 -0.50
H4' U7B A 4 -1.73 2.28 -0.97
H3' U7B A 4 -0.79 2.52 1.72
H1' U7B A 4 -2.08 -0.49 -0.13
H42 U7B A 4 2.58 -5.08 -0.86
H41 U7B A 4 0.99 -5.80 -1.20
H5 U7B A 4 2.84 -2.82 -0.18
H6 U7B A 4 1.66 -0.72 0.17
P U7B A 4 2.25 3.85 0.62
C5' U7B A 4 -0.03 3.23 -0.52
O5' U7B A 4 0.98 2.88 0.41
C4' U7B A 4 -1.20 2.25 -0.54
O4' U7B A 4 -0.82 0.98 -1.06
C3' U7B A 4 -1.82 2.03 0.86
O3' U7B A 4 -3.23 2.21 0.68
C2' U7B A 4 -1.40 0.58 1.20
C1' U7B A 4 -1.37 -0.02 -0.22
N1 U7B A 4 -0.59 -1.28 -0.39
C2 U7B A 4 -1.28 -2.43 -0.78
O2 U7B A 4 -2.50 -2.43 -0.94
N3 U7B A 4 -0.60 -3.57 -1.02
C4 U7B A 4 0.69 -3.59 -0.83
N4 U7B A 4 1.29 -4.72 -1.10
C5 U7B A 4 1.45 -2.47 -0.41
C6 U7B A 4 0.76 -1.32 -0.20
OP1 U7B A 4 1.77 5.25 0.62
OP2 U7B A 4 3.06 3.33 1.74
F1 U7B A 4 -2.25 -0.15 2.00
F2 U7B A 4 -0.16 0.59 1.81
H5'' U7B A 4 0.41 3.25 -1.53
H5' U7B A 4 -0.41 4.22 -0.28
H4' U7B A 4 -1.96 2.66 -1.21
H3' U7B A 4 -1.43 2.74 1.58
H1' U7B A 4 -2.41 -0.18 -0.51
H42 U7B A 4 2.28 -4.79 -1.04
H41 U7B A 4 0.70 -5.45 -1.51
H5 U7B A 4 2.51 -2.50 -0.25
H6 U7B A 4 1.28 -0.42 0.10
P U7B A 4 2.06 4.05 0.26
C5' U7B A 4 -0.18 3.12 -0.75
O5' U7B A 4 0.89 2.95 0.18
C4' U7B A 4 -1.29 2.07 -0.57
O4' U7B A 4 -0.87 0.80 -1.06
C3' U7B A 4 -1.75 1.90 0.91
O3' U7B A 4 -3.17 2.03 0.91
C2' U7B A 4 -1.26 0.48 1.24
C1' U7B A 4 -1.33 -0.19 -0.14
N1 U7B A 4 -0.53 -1.43 -0.34
C2 U7B A 4 -1.20 -2.57 -0.73
O2 U7B A 4 -2.43 -2.59 -0.85
N3 U7B A 4 -0.54 -3.71 -0.99
C4 U7B A 4 0.76 -3.72 -0.83
N4 U7B A 4 1.37 -4.83 -1.13
C5 U7B A 4 1.52 -2.60 -0.44
C6 U7B A 4 0.83 -1.44 -0.22
OP1 U7B A 4 1.44 5.38 0.04
OP2 U7B A 4 2.88 3.80 1.46
F1 U7B A 4 -2.01 -0.20 2.16
F2 U7B A 4 0.03 0.59 1.74
H5'' U7B A 4 0.22 3.05 -1.77
H5' U7B A 4 -0.62 4.10 -0.60
H4' U7B A 4 -2.13 2.40 -1.20
H3' U7B A 4 -1.28 2.68 1.54
H1' U7B A 4 -2.39 -0.39 -0.35
H42 U7B A 4 2.37 -4.82 -1.17
H41 U7B A 4 0.79 -5.56 -1.54
H5 U7B A 4 2.60 -2.62 -0.36
H6 U7B A 4 1.36 -0.54 0.04
P U7B A 4 2.01 4.13 0.37
C5' U7B A 4 -0.29 3.35 -0.61
O5' U7B A 4 0.79 3.10 0.29
C4' U7B A 4 -1.41 2.30 -0.47
O4' U7B A 4 -1.02 1.03 -1.00
C3' U7B A 4 -1.87 2.09 0.99
O3' U7B A 4 -3.27 2.29 1.04
C2' U7B A 4 -1.40 0.66 1.30
C1' U7B A 4 -1.48 0.04 -0.11
N1 U7B A 4 -0.71 -1.23 -0.28
C2 U7B A 4 -1.40 -2.38 -0.62
O2 U7B A 4 -2.63 -2.38 -0.76
N3 U7B A 4 -0.76 -3.55 -0.82
C4 U7B A 4 0.54 -3.58 -0.65
N4 U7B A 4 1.09 -4.73 -0.90
C5 U7B A 4 1.30 -2.44 -0.30
C6 U7B A 4 0.64 -1.27 -0.13
OP1 U7B A 4 1.47 5.49 0.18
OP2 U7B A 4 2.82 3.80 1.57
F1 U7B A 4 -2.18 -0.06 2.17
F2 U7B A 4 -0.11 0.70 1.82
H5'' U7B A 4 0.09 3.34 -1.64
H5' U7B A 4 -0.71 4.32 -0.40
H4' U7B A 4 -2.25 2.68 -1.06
H3' U7B A 4 -1.37 2.81 1.64
H1' U7B A 4 -2.54 -0.14 -0.31
H42 U7B A 4 2.09 -4.83 -0.92
H41 U7B A 4 0.47 -5.43 -1.31
H5 U7B A 4 2.37 -2.46 -0.18
H6 U7B A 4 1.17 -0.37 0.12
P U7B A 4 2.24 3.98 0.57
C5' U7B A 4 -0.03 3.17 -0.52
O5' U7B A 4 1.04 2.92 0.39
C4' U7B A 4 -1.16 2.13 -0.39
O4' U7B A 4 -0.80 0.84 -0.91
C3' U7B A 4 -1.62 1.91 1.07
O3' U7B A 4 -3.05 1.96 1.05
C2' U7B A 4 -1.08 0.50 1.41
C1' U7B A 4 -1.20 -0.15 0.02
N1 U7B A 4 -0.42 -1.39 -0.21
C2 U7B A 4 -1.10 -2.54 -0.57
O2 U7B A 4 -2.33 -2.54 -0.71
N3 U7B A 4 -0.45 -3.70 -0.82
C4 U7B A 4 0.86 -3.71 -0.70
N4 U7B A 4 1.47 -4.82 -0.99
C5 U7B A 4 1.61 -2.56 -0.35
C6 U7B A 4 0.94 -1.41 -0.13
OP1 U7B A 4 1.65 5.34 0.56
OP2 U7B A 4 3.09 3.54 1.70
F1 U7B A 4 -1.83 -0.22 2.33
F2 U7B A 4 0.22 0.57 1.90
H5'' U7B A 4 0.36 3.16 -1.54
H5' U7B A 4 -0.46 4.16 -0.31
H4' U7B A 4 -2.00 2.50 -0.98
H3' U7B A 4 -1.21 2.67 1.72
H1' U7B A 4 -2.28 -0.34 -0.12
H42 U7B A 4 2.47 -4.83 -0.99
H41 U7B A 4 0.91 -5.57 -1.38
H5 U7B A 4 2.69 -2.58 -0.29
H6 U7B A 4 1.48 -0.51 0.12
P U7B A 4 2.31 3.89 0.53
C5' U7B A 4 0.13 2.96 -0.61
O5' U7B A 4 1.15 2.79 0.36
C4' U7B A 4 -0.97 1.90 -0.50
O4' U7B A 4 -0.55 0.64 -1.00
C3' U7B A 4 -1.44 1.72 0.96
O3' U7B A 4 -2.86 1.85 0.98
C2' U7B A 4 -0.96 0.29 1.29
C1' U7B A 4 -1.04 -0.34 -0.11
N1 U7B A 4 -0.28 -1.61 -0.30
C2 U7B A 4 -0.96 -2.75 -0.70
O2 U7B A 4 -2.18 -2.72 -0.92
N3 U7B A 4 -0.31 -3.92 -0.90
C4 U7B A 4 0.99 -3.94 -0.70
N4 U7B A 4 1.61 -5.07 -0.94
C5 U7B A 4 1.75 -2.81 -0.32
C6 U7B A 4 1.07 -1.66 -0.13
OP1 U7B A 4 1.70 5.22 0.33
OP2 U7B A 4 3.05 3.60 1.77
F1 U7B A 4 -1.76 -0.40 2.17
F2 U7B A 4 0.32 0.34 1.83
H5'' U7B A 4 0.57 2.93 -1.61
H5' U7B A 4 -0.33 3.94 -0.48
H4' U7B A 4 -1.79 2.26 -1.12
H3' U7B A 4 -0.99 2.46 1.61
H1' U7B A 4 -2.10 -0.52 -0.31
H42 U7B A 4 2.61 -5.10 -0.86
H41 U7B A 4 1.07 -5.81 -1.39
H5 U7B A 4 2.81 -2.83 -0.18
H6 U7B A 4 1.60 -0.75 0.14
P U7B A 4 2.11 3.41 1.02
C5' U7B A 4 -0.05 2.81 -0.38
O5' U7B A 4 0.86 2.46 0.65
C4' U7B A 4 -1.21 1.81 -0.55
O4' U7B A 4 -0.76 0.54 -1.03
C3' U7B A 4 -2.04 1.57 0.74
O3' U7B A 4 -3.41 1.78 0.40
C2' U7B A 4 -1.67 0.11 1.09
C1' U7B A 4 -1.42 -0.47 -0.30
N1 U7B A 4 -0.61 -1.73 -0.33
C2 U7B A 4 -1.21 -2.90 -0.74
O2 U7B A 4 -2.43 -2.97 -0.93
N3 U7B A 4 -0.49 -4.02 -0.95
C4 U7B A 4 0.80 -4.00 -0.71
N4 U7B A 4 1.46 -5.10 -0.96
C5 U7B A 4 1.45 -2.86 -0.19
C6 U7B A 4 0.71 -1.74 -0.01
OP1 U7B A 4 1.61 4.81 1.06
OP2 U7B A 4 2.85 2.84 2.16
F1 U7B A 4 -2.70 -0.58 1.70
F2 U7B A 4 -0.58 0.06 1.94
H5'' U7B A 4 0.50 2.89 -1.34
H5' U7B A 4 -0.46 3.80 -0.16
H4' U7B A 4 -1.87 2.25 -1.31
H3' U7B A 4 -1.72 2.27 1.50
H1' U7B A 4 -2.41 -0.65 -0.73
H42 U7B A 4 2.46 -5.12 -0.86
H41 U7B A 4 0.93 -5.84 -1.44
H5 U7B A 4 2.50 -2.87 0.07
H6 U7B A 4 1.17 -0.84 0.39
P U7B A 4 2.46 3.60 0.67
C5' U7B A 4 0.20 2.94 -0.52
O5' U7B A 4 1.21 2.61 0.42
C4' U7B A 4 -0.97 1.95 -0.50
O4' U7B A 4 -0.58 0.69 -1.02
C3' U7B A 4 -1.55 1.74 0.92
O3' U7B A 4 -2.96 1.95 0.83
C2' U7B A 4 -1.13 0.30 1.23
C1' U7B A 4 -1.13 -0.30 -0.18
N1 U7B A 4 -0.36 -1.56 -0.34
C2 U7B A 4 -1.06 -2.71 -0.69
O2 U7B A 4 -2.27 -2.72 -0.80
N3 U7B A 4 -0.40 -3.87 -0.92
C4 U7B A 4 0.91 -3.87 -0.80
N4 U7B A 4 1.50 -5.00 -1.08
C5 U7B A 4 1.68 -2.74 -0.44
C6 U7B A 4 1.00 -1.59 -0.22
OP1 U7B A 4 1.95 4.99 0.69
OP2 U7B A 4 3.25 3.09 1.80
F1 U7B A 4 -1.99 -0.40 2.05
F2 U7B A 4 0.11 0.28 1.84
H5'' U7B A 4 0.63 2.95 -1.53
H5' U7B A 4 -0.19 3.94 -0.30
H4' U7B A 4 -1.74 2.37 -1.15
H3' U7B A 4 -1.11 2.45 1.62
H1' U7B A 4 -2.17 -0.46 -0.46
H42 U7B A 4 2.50 -5.04 -1.08
H41 U7B A 4 0.90 -5.74 -1.46
H5 U7B A 4 2.74 -2.77 -0.35
H6 U7B A 4 1.53 -0.69 0.03
#